data_6SJM
#
_entry.id   6SJM
#
_cell.length_a   63.998
_cell.length_b   63.998
_cell.length_c   109.596
_cell.angle_alpha   90.000
_cell.angle_beta   90.000
_cell.angle_gamma   90.000
#
_symmetry.space_group_name_H-M   'P 43 21 2'
#
loop_
_entity.id
_entity.type
_entity.pdbx_description
1 polymer 'Retinoic acid receptor RXR-alpha'
2 polymer 'Nuclear receptor coactivator 2'
3 non-polymer '2-[4-[3,5-bis(trifluoromethyl)phenyl]phenyl]ethanoic acid'
4 water water
#
loop_
_entity_poly.entity_id
_entity_poly.type
_entity_poly.pdbx_seq_one_letter_code
_entity_poly.pdbx_strand_id
1 'polypeptide(L)'
;SMDMPVERILEAELAVEPKTETYVEANMGLNPSSPNDPVTNICQAADKQLFTLVEWAKRIPHFSELPLDDQVILLRAGWN
ELLIASFSHRSIAVKDGILLATGLHVHRNSAHSAGVGAIFDRVLTELVSKMRDMQMDKTELGCLRAIVLFNPDSKGLSNP
AEVEALREKVYASLEAYCKHKYPEQPGRFAKLLLRLPALRSIGLKCLEHLFFFKLIGDTPIDTFLMEMLE
;
A
2 'polypeptide(L)' KHKILHRLLQDSSY B
#
# COMPACT_ATOMS: atom_id res chain seq x y z
N MET A 2 4.14 -25.30 -0.55
CA MET A 2 3.51 -23.95 -0.47
C MET A 2 3.48 -23.32 -1.87
N ASP A 3 2.30 -22.93 -2.36
CA ASP A 3 2.14 -22.17 -3.62
C ASP A 3 2.33 -20.66 -3.32
N MET A 4 2.44 -20.28 -2.03
CA MET A 4 2.52 -18.85 -1.58
C MET A 4 3.19 -18.76 -0.22
N PRO A 5 4.52 -18.97 -0.14
CA PRO A 5 5.26 -18.87 1.12
C PRO A 5 5.37 -17.42 1.62
N VAL A 6 5.01 -17.21 2.89
CA VAL A 6 5.03 -15.89 3.57
C VAL A 6 6.48 -15.39 3.63
N GLU A 7 7.42 -16.32 3.68
CA GLU A 7 8.86 -16.01 3.72
C GLU A 7 9.19 -15.02 2.58
N ARG A 8 8.76 -15.34 1.35
CA ARG A 8 9.12 -14.57 0.13
C ARG A 8 8.42 -13.20 0.17
N ILE A 9 7.21 -13.16 0.69
CA ILE A 9 6.45 -11.89 0.83
C ILE A 9 7.24 -10.95 1.74
N LEU A 10 7.93 -11.49 2.73
CA LEU A 10 8.63 -10.67 3.75
C LEU A 10 9.91 -10.09 3.15
N GLU A 11 10.64 -10.89 2.39
CA GLU A 11 11.85 -10.45 1.65
C GLU A 11 11.44 -9.32 0.68
N ALA A 12 10.31 -9.46 -0.01
CA ALA A 12 9.75 -8.40 -0.89
C ALA A 12 9.74 -7.06 -0.12
N GLU A 13 9.16 -7.07 1.08
CA GLU A 13 9.10 -5.91 2.01
C GLU A 13 10.51 -5.41 2.35
N LEU A 14 11.38 -6.28 2.85
CA LEU A 14 12.75 -5.88 3.29
C LEU A 14 13.52 -5.31 2.11
N ALA A 15 13.23 -5.78 0.90
CA ALA A 15 13.99 -5.52 -0.34
C ALA A 15 13.85 -4.03 -0.72
N VAL A 16 12.68 -3.43 -0.45
CA VAL A 16 12.28 -2.10 -1.00
C VAL A 16 12.17 -1.10 0.15
N GLU A 17 13.18 -1.05 1.00
CA GLU A 17 13.07 -0.44 2.35
C GLU A 17 14.09 0.70 2.50
N PRO A 18 13.65 1.89 3.02
CA PRO A 18 14.56 2.99 3.33
C PRO A 18 15.91 2.53 3.87
N ASN A 36 8.15 24.74 3.47
CA ASN A 36 8.24 23.38 2.88
C ASN A 36 6.87 22.67 3.05
N ASP A 37 5.88 23.03 2.22
CA ASP A 37 4.45 22.60 2.31
C ASP A 37 4.40 21.08 2.50
N PRO A 38 3.77 20.59 3.59
CA PRO A 38 3.73 19.14 3.88
C PRO A 38 3.10 18.30 2.75
N VAL A 39 2.21 18.92 1.95
CA VAL A 39 1.42 18.25 0.88
C VAL A 39 2.27 18.13 -0.38
N THR A 40 3.18 19.07 -0.59
CA THR A 40 4.25 18.97 -1.61
C THR A 40 5.18 17.79 -1.25
N ASN A 41 5.49 17.63 0.03
CA ASN A 41 6.44 16.61 0.53
C ASN A 41 5.80 15.24 0.32
N ILE A 42 4.60 15.08 0.85
CA ILE A 42 3.76 13.87 0.74
C ILE A 42 3.72 13.42 -0.74
N CYS A 43 3.58 14.37 -1.67
CA CYS A 43 3.38 14.10 -3.11
C CYS A 43 4.69 13.66 -3.74
N GLN A 44 5.79 14.34 -3.42
CA GLN A 44 7.17 13.93 -3.80
C GLN A 44 7.36 12.47 -3.35
N ALA A 45 7.09 12.19 -2.08
CA ALA A 45 7.22 10.85 -1.49
C ALA A 45 6.39 9.87 -2.30
N ALA A 46 5.13 10.19 -2.49
CA ALA A 46 4.16 9.32 -3.18
C ALA A 46 4.76 8.88 -4.52
N ASP A 47 5.30 9.84 -5.26
CA ASP A 47 5.76 9.66 -6.65
C ASP A 47 7.00 8.78 -6.62
N LYS A 48 7.96 9.13 -5.78
CA LYS A 48 9.17 8.32 -5.47
C LYS A 48 8.76 6.87 -5.16
N GLN A 49 7.82 6.68 -4.25
CA GLN A 49 7.40 5.34 -3.74
C GLN A 49 6.66 4.55 -4.81
N LEU A 50 6.00 5.21 -5.75
CA LEU A 50 5.34 4.53 -6.89
C LEU A 50 6.37 3.64 -7.61
N PHE A 51 7.62 4.08 -7.69
CA PHE A 51 8.70 3.32 -8.37
C PHE A 51 9.05 2.11 -7.53
N THR A 52 9.25 2.34 -6.22
CA THR A 52 9.54 1.30 -5.21
C THR A 52 8.40 0.27 -5.21
N LEU A 53 7.18 0.71 -5.42
CA LEU A 53 6.01 -0.19 -5.43
C LEU A 53 6.13 -1.21 -6.57
N VAL A 54 6.46 -0.76 -7.77
CA VAL A 54 6.56 -1.65 -8.96
C VAL A 54 7.63 -2.72 -8.69
N GLU A 55 8.75 -2.33 -8.06
CA GLU A 55 9.84 -3.25 -7.65
C GLU A 55 9.30 -4.26 -6.61
N TRP A 56 8.56 -3.78 -5.63
CA TRP A 56 7.93 -4.62 -4.58
C TRP A 56 7.03 -5.68 -5.22
N ALA A 57 6.10 -5.26 -6.06
CA ALA A 57 5.08 -6.15 -6.65
C ALA A 57 5.77 -7.26 -7.46
N LYS A 58 6.90 -6.97 -8.07
CA LYS A 58 7.65 -7.94 -8.92
C LYS A 58 8.26 -9.02 -8.04
N ARG A 59 8.58 -8.68 -6.79
CA ARG A 59 9.15 -9.60 -5.79
C ARG A 59 8.03 -10.40 -5.10
N ILE A 60 6.76 -10.07 -5.36
CA ILE A 60 5.62 -10.89 -4.85
C ILE A 60 5.43 -12.10 -5.75
N PRO A 61 5.45 -13.31 -5.16
CA PRO A 61 5.27 -14.55 -5.92
C PRO A 61 4.08 -14.49 -6.88
N HIS A 62 4.33 -14.76 -8.16
CA HIS A 62 3.34 -15.04 -9.25
C HIS A 62 2.85 -13.74 -9.89
N PHE A 63 3.01 -12.60 -9.24
CA PHE A 63 2.56 -11.31 -9.79
C PHE A 63 3.10 -11.13 -11.21
N SER A 64 4.40 -11.33 -11.39
CA SER A 64 5.14 -11.06 -12.65
C SER A 64 4.70 -12.02 -13.75
N GLU A 65 4.05 -13.12 -13.38
CA GLU A 65 3.61 -14.19 -14.30
C GLU A 65 2.29 -13.79 -14.96
N LEU A 66 1.55 -12.86 -14.35
CA LEU A 66 0.25 -12.39 -14.88
C LEU A 66 0.48 -11.67 -16.20
N PRO A 67 -0.55 -11.61 -17.09
CA PRO A 67 -0.49 -10.78 -18.29
C PRO A 67 -0.14 -9.34 -17.93
N LEU A 68 0.71 -8.71 -18.72
CA LEU A 68 1.16 -7.31 -18.49
C LEU A 68 -0.06 -6.42 -18.22
N ASP A 69 -1.17 -6.68 -18.93
CA ASP A 69 -2.44 -5.90 -18.82
C ASP A 69 -2.97 -5.96 -17.38
N ASP A 70 -3.00 -7.15 -16.78
CA ASP A 70 -3.58 -7.36 -15.43
C ASP A 70 -2.65 -6.77 -14.38
N GLN A 71 -1.35 -6.97 -14.52
CA GLN A 71 -0.33 -6.35 -13.66
C GLN A 71 -0.67 -4.85 -13.56
N VAL A 72 -0.91 -4.22 -14.69
CA VAL A 72 -1.18 -2.76 -14.83
C VAL A 72 -2.48 -2.42 -14.12
N ILE A 73 -3.50 -3.25 -14.30
CA ILE A 73 -4.84 -3.04 -13.73
C ILE A 73 -4.74 -3.11 -12.21
N LEU A 74 -3.96 -4.07 -11.71
CA LEU A 74 -3.86 -4.34 -10.26
C LEU A 74 -3.18 -3.17 -9.57
N LEU A 75 -2.08 -2.70 -10.12
CA LEU A 75 -1.29 -1.63 -9.47
C LEU A 75 -2.02 -0.30 -9.62
N ARG A 76 -2.74 -0.11 -10.73
CA ARG A 76 -3.62 1.05 -10.95
C ARG A 76 -4.75 1.00 -9.94
N ALA A 77 -5.22 -0.20 -9.61
CA ALA A 77 -6.29 -0.43 -8.61
C ALA A 77 -5.74 -0.27 -7.19
N GLY A 78 -4.53 -0.78 -6.93
CA GLY A 78 -4.04 -1.04 -5.56
C GLY A 78 -3.14 0.07 -5.03
N TRP A 79 -2.53 0.85 -5.93
CA TRP A 79 -1.30 1.65 -5.62
C TRP A 79 -1.56 2.55 -4.42
N ASN A 80 -2.74 3.09 -4.33
CA ASN A 80 -3.09 4.09 -3.33
C ASN A 80 -3.13 3.39 -1.97
N GLU A 81 -3.86 2.29 -1.88
CA GLU A 81 -4.03 1.53 -0.61
C GLU A 81 -2.68 0.98 -0.17
N LEU A 82 -1.85 0.54 -1.13
CA LEU A 82 -0.57 -0.14 -0.86
C LEU A 82 0.43 0.85 -0.27
N LEU A 83 0.44 2.07 -0.78
CA LEU A 83 1.36 3.13 -0.30
C LEU A 83 0.95 3.55 1.11
N ILE A 84 -0.36 3.62 1.36
CA ILE A 84 -0.92 4.00 2.68
C ILE A 84 -0.57 2.92 3.72
N ALA A 85 -0.69 1.65 3.35
CA ALA A 85 -0.29 0.51 4.20
C ALA A 85 1.18 0.65 4.56
N SER A 86 2.05 0.85 3.57
CA SER A 86 3.51 0.99 3.81
C SER A 86 3.74 2.04 4.89
N PHE A 87 3.29 3.28 4.67
CA PHE A 87 3.75 4.46 5.45
C PHE A 87 3.08 4.45 6.82
N SER A 88 1.89 3.87 6.92
CA SER A 88 1.23 3.57 8.22
C SER A 88 2.10 2.60 9.05
N HIS A 89 2.47 1.43 8.52
CA HIS A 89 3.27 0.43 9.27
C HIS A 89 4.64 1.00 9.60
N ARG A 90 5.15 1.92 8.77
CA ARG A 90 6.46 2.57 8.94
C ARG A 90 6.39 3.58 10.09
N SER A 91 5.19 3.92 10.57
CA SER A 91 4.94 5.05 11.48
C SER A 91 4.60 4.55 12.90
N ILE A 92 4.47 3.22 13.06
CA ILE A 92 4.08 2.55 14.33
C ILE A 92 4.86 3.15 15.50
N ALA A 93 6.17 3.35 15.34
CA ALA A 93 7.06 3.86 16.41
C ALA A 93 6.78 5.34 16.66
N VAL A 94 6.36 6.05 15.62
CA VAL A 94 6.21 7.54 15.62
C VAL A 94 4.98 7.89 16.44
N LYS A 95 5.04 9.00 17.19
CA LYS A 95 3.92 9.58 17.95
C LYS A 95 3.26 10.69 17.10
N ASP A 96 1.94 10.60 16.90
CA ASP A 96 1.09 11.69 16.36
C ASP A 96 1.67 12.21 15.04
N GLY A 97 2.12 11.32 14.16
CA GLY A 97 2.83 11.71 12.92
C GLY A 97 3.15 10.51 12.05
N ILE A 98 3.57 10.77 10.81
CA ILE A 98 3.97 9.71 9.84
C ILE A 98 5.41 9.94 9.38
N LEU A 99 6.13 8.86 9.11
CA LEU A 99 7.47 8.90 8.49
C LEU A 99 7.29 8.66 6.99
N LEU A 100 7.66 9.65 6.17
CA LEU A 100 7.76 9.52 4.70
C LEU A 100 9.05 8.80 4.33
N ALA A 101 9.01 8.02 3.25
CA ALA A 101 10.15 7.36 2.58
C ALA A 101 11.31 8.35 2.37
N THR A 102 11.01 9.65 2.20
CA THR A 102 12.01 10.74 2.02
C THR A 102 12.91 10.83 3.26
N GLY A 103 12.52 10.16 4.36
CA GLY A 103 13.21 10.21 5.67
C GLY A 103 12.58 11.26 6.57
N LEU A 104 11.72 12.09 6.02
CA LEU A 104 11.10 13.27 6.69
C LEU A 104 9.80 12.85 7.39
N HIS A 105 9.67 13.18 8.66
CA HIS A 105 8.44 12.97 9.47
C HIS A 105 7.48 14.11 9.22
N VAL A 106 6.19 13.80 9.05
CA VAL A 106 5.08 14.80 9.10
C VAL A 106 4.27 14.55 10.36
N HIS A 107 4.11 15.59 11.17
CA HIS A 107 3.28 15.62 12.41
C HIS A 107 1.86 16.10 12.09
N ARG A 108 0.89 15.71 12.92
CA ARG A 108 -0.55 16.02 12.74
C ARG A 108 -0.75 17.53 12.76
N ASN A 109 0.03 18.25 13.54
CA ASN A 109 0.01 19.73 13.57
C ASN A 109 0.27 20.27 12.16
N SER A 110 1.33 19.83 11.49
CA SER A 110 1.70 20.23 10.09
C SER A 110 0.54 19.90 9.13
N ALA A 111 -0.11 18.76 9.35
CA ALA A 111 -1.18 18.21 8.49
C ALA A 111 -2.46 19.07 8.60
N HIS A 112 -2.88 19.41 9.82
CA HIS A 112 -4.06 20.29 10.09
C HIS A 112 -3.79 21.65 9.47
N SER A 113 -2.53 22.11 9.50
CA SER A 113 -2.12 23.48 9.11
C SER A 113 -1.93 23.60 7.58
N ALA A 114 -1.91 22.47 6.87
CA ALA A 114 -1.97 22.40 5.39
C ALA A 114 -3.40 22.13 4.95
N GLY A 115 -4.28 21.82 5.92
CA GLY A 115 -5.71 21.50 5.73
C GLY A 115 -5.96 20.03 5.37
N VAL A 116 -5.16 19.08 5.87
CA VAL A 116 -5.43 17.63 5.64
C VAL A 116 -5.40 16.89 7.00
N GLY A 117 -5.80 17.56 8.07
CA GLY A 117 -5.91 16.98 9.43
C GLY A 117 -6.94 15.86 9.54
N ALA A 118 -8.10 16.03 8.93
CA ALA A 118 -9.18 15.03 8.97
C ALA A 118 -8.65 13.71 8.44
N ILE A 119 -8.19 13.69 7.19
CA ILE A 119 -7.68 12.42 6.58
C ILE A 119 -6.47 11.95 7.39
N PHE A 120 -5.61 12.86 7.81
CA PHE A 120 -4.41 12.56 8.62
C PHE A 120 -4.83 11.81 9.88
N ASP A 121 -5.72 12.41 10.67
CA ASP A 121 -6.24 11.82 11.94
C ASP A 121 -6.78 10.42 11.64
N ARG A 122 -7.54 10.27 10.58
CA ARG A 122 -8.10 8.98 10.19
C ARG A 122 -6.96 7.97 10.00
N VAL A 123 -5.86 8.38 9.38
CA VAL A 123 -4.70 7.45 9.17
C VAL A 123 -4.13 7.06 10.54
N LEU A 124 -3.97 8.01 11.44
CA LEU A 124 -3.38 7.76 12.78
C LEU A 124 -4.23 6.74 13.54
N THR A 125 -5.53 6.97 13.59
CA THR A 125 -6.42 6.31 14.56
C THR A 125 -6.82 4.95 13.99
N GLU A 126 -7.01 4.86 12.67
CA GLU A 126 -7.62 3.68 12.03
C GLU A 126 -6.53 2.69 11.58
N LEU A 127 -5.30 3.13 11.43
CA LEU A 127 -4.22 2.30 10.84
C LEU A 127 -2.97 2.28 11.75
N VAL A 128 -2.26 3.39 11.90
CA VAL A 128 -1.01 3.47 12.71
C VAL A 128 -1.30 2.90 14.10
N SER A 129 -2.17 3.55 14.88
CA SER A 129 -2.50 3.17 16.27
C SER A 129 -2.81 1.69 16.35
N LYS A 130 -3.67 1.21 15.45
CA LYS A 130 -4.14 -0.21 15.45
C LYS A 130 -2.95 -1.15 15.17
N MET A 131 -2.11 -0.79 14.19
CA MET A 131 -0.85 -1.49 13.87
C MET A 131 0.07 -1.51 15.09
N ARG A 132 0.23 -0.36 15.78
CA ARG A 132 1.09 -0.27 16.99
C ARG A 132 0.50 -1.16 18.09
N ASP A 133 -0.81 -1.04 18.33
CA ASP A 133 -1.50 -1.67 19.47
C ASP A 133 -1.37 -3.20 19.37
N MET A 134 -1.49 -3.74 18.17
CA MET A 134 -1.45 -5.21 17.92
C MET A 134 -0.03 -5.64 17.53
N GLN A 135 0.88 -4.68 17.30
CA GLN A 135 2.28 -4.94 16.89
C GLN A 135 2.31 -5.76 15.60
N MET A 136 1.50 -5.38 14.63
CA MET A 136 1.49 -6.00 13.29
C MET A 136 2.94 -6.10 12.77
N ASP A 137 3.46 -7.31 12.60
CA ASP A 137 4.82 -7.55 12.06
C ASP A 137 4.81 -7.33 10.53
N LYS A 138 6.00 -7.25 9.93
CA LYS A 138 6.25 -6.89 8.51
C LYS A 138 5.84 -8.04 7.58
N THR A 139 5.81 -9.27 8.11
CA THR A 139 5.28 -10.47 7.39
C THR A 139 3.78 -10.25 7.16
N GLU A 140 3.09 -9.66 8.15
CA GLU A 140 1.61 -9.43 8.12
C GLU A 140 1.27 -8.26 7.20
N LEU A 141 1.99 -7.15 7.33
CA LEU A 141 1.90 -5.97 6.43
C LEU A 141 2.03 -6.44 4.98
N GLY A 142 3.12 -7.19 4.69
CA GLY A 142 3.40 -7.84 3.41
C GLY A 142 2.20 -8.58 2.89
N CYS A 143 1.64 -9.45 3.72
CA CYS A 143 0.51 -10.33 3.38
C CYS A 143 -0.74 -9.50 3.07
N LEU A 144 -1.08 -8.56 3.93
CA LEU A 144 -2.25 -7.66 3.70
C LEU A 144 -2.05 -6.91 2.38
N ARG A 145 -0.84 -6.40 2.15
CA ARG A 145 -0.52 -5.64 0.92
C ARG A 145 -0.61 -6.57 -0.29
N ALA A 146 -0.08 -7.78 -0.14
CA ALA A 146 -0.17 -8.85 -1.15
C ALA A 146 -1.64 -9.08 -1.49
N ILE A 147 -2.49 -9.16 -0.46
CA ILE A 147 -3.95 -9.40 -0.63
C ILE A 147 -4.57 -8.23 -1.43
N VAL A 148 -4.24 -7.01 -1.05
CA VAL A 148 -4.78 -5.79 -1.67
C VAL A 148 -4.44 -5.79 -3.15
N LEU A 149 -3.24 -6.27 -3.46
CA LEU A 149 -2.69 -6.37 -4.83
C LEU A 149 -3.56 -7.33 -5.63
N PHE A 150 -3.79 -8.52 -5.10
CA PHE A 150 -4.59 -9.57 -5.75
C PHE A 150 -6.06 -9.26 -5.49
N ASN A 151 -6.51 -8.15 -6.05
CA ASN A 151 -7.89 -7.69 -5.92
C ASN A 151 -8.66 -8.21 -7.11
N PRO A 152 -9.46 -9.29 -6.94
CA PRO A 152 -10.21 -9.86 -8.05
C PRO A 152 -11.37 -8.93 -8.50
N ASP A 153 -11.69 -7.93 -7.70
CA ASP A 153 -12.75 -6.92 -7.99
C ASP A 153 -12.25 -5.93 -9.06
N SER A 154 -10.93 -5.78 -9.24
CA SER A 154 -10.31 -4.88 -10.23
C SER A 154 -11.00 -5.05 -11.58
N LYS A 155 -11.54 -3.95 -12.08
CA LYS A 155 -12.27 -3.91 -13.37
C LYS A 155 -11.27 -4.13 -14.51
N GLY A 156 -11.57 -5.07 -15.40
CA GLY A 156 -10.90 -5.23 -16.71
C GLY A 156 -10.03 -6.47 -16.76
N LEU A 157 -9.87 -7.18 -15.64
CA LEU A 157 -8.86 -8.29 -15.51
C LEU A 157 -9.13 -9.33 -16.58
N SER A 158 -8.08 -9.86 -17.20
CA SER A 158 -8.19 -10.95 -18.20
C SER A 158 -8.83 -12.18 -17.52
N ASN A 159 -8.38 -12.53 -16.30
CA ASN A 159 -8.81 -13.78 -15.58
C ASN A 159 -8.92 -13.48 -14.10
N PRO A 160 -10.11 -13.00 -13.64
CA PRO A 160 -10.33 -12.71 -12.23
C PRO A 160 -10.14 -13.94 -11.32
N ALA A 161 -10.51 -15.13 -11.82
CA ALA A 161 -10.50 -16.40 -11.05
C ALA A 161 -9.10 -16.64 -10.52
N GLU A 162 -8.11 -16.40 -11.38
CA GLU A 162 -6.67 -16.59 -11.10
C GLU A 162 -6.26 -15.66 -9.95
N VAL A 163 -6.67 -14.39 -10.04
CA VAL A 163 -6.36 -13.33 -9.03
C VAL A 163 -7.10 -13.66 -7.74
N GLU A 164 -8.33 -14.13 -7.82
CA GLU A 164 -9.09 -14.66 -6.66
C GLU A 164 -8.24 -15.77 -6.01
N ALA A 165 -7.77 -16.70 -6.81
CA ALA A 165 -7.07 -17.93 -6.38
C ALA A 165 -5.73 -17.56 -5.73
N LEU A 166 -5.04 -16.55 -6.26
CA LEU A 166 -3.80 -16.00 -5.66
C LEU A 166 -4.16 -15.30 -4.34
N ARG A 167 -5.20 -14.48 -4.34
CA ARG A 167 -5.69 -13.83 -3.09
C ARG A 167 -5.93 -14.91 -2.04
N GLU A 168 -6.55 -16.02 -2.43
CA GLU A 168 -6.90 -17.16 -1.54
C GLU A 168 -5.61 -17.76 -0.94
N LYS A 169 -4.59 -17.98 -1.76
CA LYS A 169 -3.29 -18.56 -1.33
C LYS A 169 -2.68 -17.68 -0.24
N VAL A 170 -2.75 -16.35 -0.41
CA VAL A 170 -2.10 -15.35 0.50
C VAL A 170 -2.75 -15.42 1.88
N TYR A 171 -4.09 -15.42 1.96
CA TYR A 171 -4.79 -15.27 3.26
C TYR A 171 -4.76 -16.63 4.01
N ALA A 172 -4.80 -17.73 3.28
CA ALA A 172 -4.50 -19.07 3.83
C ALA A 172 -3.11 -19.07 4.50
N SER A 173 -2.07 -18.61 3.79
CA SER A 173 -0.66 -18.59 4.29
C SER A 173 -0.60 -17.77 5.57
N LEU A 174 -1.13 -16.56 5.51
CA LEU A 174 -1.19 -15.58 6.63
C LEU A 174 -1.89 -16.20 7.84
N GLU A 175 -3.09 -16.78 7.66
CA GLU A 175 -3.86 -17.42 8.77
C GLU A 175 -2.94 -18.40 9.50
N ALA A 176 -2.23 -19.26 8.75
CA ALA A 176 -1.28 -20.27 9.29
C ALA A 176 -0.08 -19.56 9.95
N TYR A 177 0.44 -18.48 9.35
CA TYR A 177 1.54 -17.67 9.93
C TYR A 177 1.10 -17.17 11.31
N CYS A 178 -0.12 -16.62 11.41
CA CYS A 178 -0.70 -16.08 12.66
C CYS A 178 -0.89 -17.19 13.72
N LYS A 179 -1.62 -18.26 13.37
CA LYS A 179 -1.91 -19.44 14.24
C LYS A 179 -0.59 -19.98 14.80
N HIS A 180 0.47 -19.94 14.01
CA HIS A 180 1.81 -20.52 14.33
C HIS A 180 2.60 -19.52 15.19
N LYS A 181 2.65 -18.25 14.78
CA LYS A 181 3.59 -17.21 15.29
C LYS A 181 2.97 -16.53 16.51
N TYR A 182 1.66 -16.31 16.46
CA TYR A 182 0.86 -15.70 17.55
C TYR A 182 -0.29 -16.65 17.92
N PRO A 183 0.00 -17.83 18.49
CA PRO A 183 -1.05 -18.77 18.91
C PRO A 183 -1.93 -18.22 20.06
N GLU A 184 -1.35 -17.33 20.89
CA GLU A 184 -2.03 -16.62 22.02
C GLU A 184 -3.23 -15.80 21.50
N GLN A 185 -3.20 -15.37 20.21
CA GLN A 185 -4.15 -14.40 19.62
C GLN A 185 -4.94 -15.09 18.51
N PRO A 186 -6.00 -15.86 18.83
CA PRO A 186 -6.70 -16.69 17.83
C PRO A 186 -7.55 -15.88 16.82
N GLY A 187 -7.87 -14.63 17.16
CA GLY A 187 -8.58 -13.68 16.28
C GLY A 187 -7.65 -12.62 15.69
N ARG A 188 -6.33 -12.79 15.80
CA ARG A 188 -5.36 -11.87 15.16
C ARG A 188 -5.61 -11.85 13.65
N PHE A 189 -5.90 -13.02 13.06
CA PHE A 189 -6.12 -13.17 11.61
C PHE A 189 -7.27 -12.25 11.17
N ALA A 190 -8.46 -12.47 11.72
CA ALA A 190 -9.65 -11.61 11.56
C ALA A 190 -9.26 -10.15 11.77
N LYS A 191 -8.74 -9.80 12.94
CA LYS A 191 -8.27 -8.43 13.27
C LYS A 191 -7.55 -7.83 12.04
N LEU A 192 -6.51 -8.47 11.56
CA LEU A 192 -5.71 -8.01 10.40
C LEU A 192 -6.63 -7.72 9.21
N LEU A 193 -7.54 -8.65 8.90
CA LEU A 193 -8.42 -8.56 7.71
C LEU A 193 -9.42 -7.40 7.90
N LEU A 194 -9.73 -7.05 9.14
CA LEU A 194 -10.68 -5.96 9.44
C LEU A 194 -9.97 -4.61 9.53
N ARG A 195 -8.77 -4.47 8.97
CA ARG A 195 -8.17 -3.14 8.71
C ARG A 195 -8.28 -2.77 7.23
N LEU A 196 -8.60 -3.72 6.37
CA LEU A 196 -8.73 -3.50 4.90
C LEU A 196 -9.88 -2.57 4.60
N PRO A 197 -11.03 -2.63 5.31
CA PRO A 197 -12.10 -1.67 5.08
C PRO A 197 -11.64 -0.24 5.36
N ALA A 198 -11.04 0.00 6.51
CA ALA A 198 -10.50 1.32 6.88
C ALA A 198 -9.50 1.75 5.82
N LEU A 199 -8.73 0.82 5.30
CA LEU A 199 -7.70 1.09 4.28
C LEU A 199 -8.38 1.52 3.00
N ARG A 200 -9.49 0.90 2.67
CA ARG A 200 -10.26 1.18 1.45
C ARG A 200 -10.78 2.62 1.54
N SER A 201 -11.39 2.99 2.67
CA SER A 201 -11.99 4.34 2.92
C SER A 201 -10.93 5.40 2.75
N ILE A 202 -9.82 5.22 3.47
CA ILE A 202 -8.74 6.22 3.59
C ILE A 202 -8.07 6.38 2.23
N GLY A 203 -7.94 5.27 1.47
CA GLY A 203 -7.44 5.29 0.09
C GLY A 203 -8.24 6.24 -0.78
N LEU A 204 -9.56 6.10 -0.77
CA LEU A 204 -10.48 6.88 -1.63
C LEU A 204 -10.46 8.35 -1.19
N LYS A 205 -10.33 8.63 0.10
CA LYS A 205 -10.32 10.00 0.58
C LYS A 205 -9.00 10.67 0.14
N CYS A 206 -7.92 9.91 0.19
CA CYS A 206 -6.59 10.35 -0.25
C CYS A 206 -6.64 10.67 -1.74
N LEU A 207 -7.25 9.79 -2.51
CA LEU A 207 -7.38 9.95 -3.97
C LEU A 207 -8.21 11.20 -4.28
N GLU A 208 -9.30 11.41 -3.56
CA GLU A 208 -10.15 12.62 -3.73
C GLU A 208 -9.25 13.87 -3.52
N HIS A 209 -8.37 13.86 -2.50
CA HIS A 209 -7.42 14.94 -2.17
C HIS A 209 -6.45 15.15 -3.32
N LEU A 210 -5.84 14.06 -3.81
CA LEU A 210 -4.76 14.15 -4.82
C LEU A 210 -5.35 14.73 -6.11
N PHE A 211 -6.53 14.29 -6.50
CA PHE A 211 -7.28 14.84 -7.66
C PHE A 211 -7.48 16.34 -7.50
N PHE A 212 -7.62 16.82 -6.27
CA PHE A 212 -7.84 18.25 -6.00
C PHE A 212 -6.52 19.00 -6.14
N PHE A 213 -5.44 18.50 -5.55
CA PHE A 213 -4.11 19.11 -5.69
C PHE A 213 -3.81 19.27 -7.18
N LYS A 214 -4.18 18.27 -7.99
CA LYS A 214 -3.99 18.32 -9.46
C LYS A 214 -4.92 19.38 -10.04
N LEU A 215 -6.23 19.17 -9.89
CA LEU A 215 -7.26 20.06 -10.49
C LEU A 215 -6.89 21.53 -10.22
N ILE A 216 -6.43 21.83 -9.02
CA ILE A 216 -6.22 23.22 -8.50
C ILE A 216 -4.84 23.74 -8.94
N GLY A 217 -3.87 22.84 -9.11
CA GLY A 217 -2.48 23.20 -9.47
C GLY A 217 -1.81 24.00 -8.37
N ASP A 218 -2.36 23.96 -7.16
CA ASP A 218 -1.79 24.58 -5.91
C ASP A 218 -0.40 23.98 -5.68
N THR A 219 -0.16 22.78 -6.22
CA THR A 219 0.87 21.82 -5.76
C THR A 219 1.55 21.17 -6.94
N PRO A 220 2.92 21.05 -6.92
CA PRO A 220 3.64 20.21 -7.88
C PRO A 220 3.25 18.72 -7.79
N ILE A 221 2.92 18.13 -8.95
CA ILE A 221 2.59 16.69 -9.10
C ILE A 221 3.61 16.07 -10.06
N ASP A 222 4.58 15.34 -9.53
CA ASP A 222 5.62 14.65 -10.32
C ASP A 222 4.95 13.57 -11.20
N THR A 223 5.65 13.14 -12.24
CA THR A 223 5.06 12.60 -13.50
C THR A 223 4.38 11.26 -13.28
N PHE A 224 4.95 10.37 -12.47
CA PHE A 224 4.41 9.00 -12.28
C PHE A 224 3.11 9.08 -11.46
N LEU A 225 3.10 9.88 -10.41
CA LEU A 225 1.86 10.17 -9.64
C LEU A 225 0.84 10.81 -10.57
N MET A 226 1.28 11.81 -11.33
CA MET A 226 0.51 12.43 -12.43
C MET A 226 -0.16 11.33 -13.25
N GLU A 227 0.59 10.36 -13.73
CA GLU A 227 0.08 9.31 -14.62
C GLU A 227 -0.94 8.45 -13.87
N MET A 228 -0.73 8.19 -12.58
CA MET A 228 -1.66 7.38 -11.77
C MET A 228 -2.98 8.12 -11.57
N LEU A 229 -2.98 9.44 -11.75
CA LEU A 229 -4.18 10.31 -11.60
C LEU A 229 -4.83 10.61 -12.97
N GLU A 230 -4.34 10.00 -14.05
CA GLU A 230 -4.93 10.13 -15.42
C GLU A 230 -5.39 8.75 -15.91
N LYS B 1 -2.42 5.18 -23.05
CA LYS B 1 -1.44 4.17 -22.60
C LYS B 1 -0.71 4.70 -21.36
N HIS B 2 -0.53 3.86 -20.35
CA HIS B 2 0.19 4.18 -19.09
C HIS B 2 1.69 4.00 -19.36
N LYS B 3 2.33 5.02 -19.92
CA LYS B 3 3.71 4.95 -20.47
C LYS B 3 4.65 4.40 -19.39
N ILE B 4 4.73 5.12 -18.26
CA ILE B 4 5.74 4.90 -17.18
C ILE B 4 5.46 3.56 -16.50
N LEU B 5 4.23 3.33 -16.06
CA LEU B 5 3.83 2.07 -15.38
C LEU B 5 4.25 0.87 -16.26
N HIS B 6 4.15 1.01 -17.59
CA HIS B 6 4.35 -0.10 -18.56
C HIS B 6 5.85 -0.38 -18.69
N ARG B 7 6.65 0.69 -18.69
CA ARG B 7 8.13 0.66 -18.90
C ARG B 7 8.83 0.06 -17.66
N LEU B 8 8.32 0.34 -16.46
CA LEU B 8 8.82 -0.21 -15.17
C LEU B 8 8.51 -1.71 -15.10
N LEU B 9 7.43 -2.16 -15.73
CA LEU B 9 6.88 -3.52 -15.50
C LEU B 9 7.53 -4.51 -16.48
N GLN B 10 7.94 -4.03 -17.65
CA GLN B 10 8.60 -4.89 -18.68
C GLN B 10 10.01 -5.24 -18.18
N ASP B 11 10.77 -4.22 -17.79
CA ASP B 11 12.22 -4.27 -17.47
C ASP B 11 12.48 -5.40 -16.45
N SER B 12 13.24 -6.43 -16.84
CA SER B 12 13.88 -7.43 -15.93
C SER B 12 14.92 -6.72 -15.08
N SER B 13 14.89 -6.95 -13.76
CA SER B 13 15.50 -6.07 -12.70
C SER B 13 14.49 -5.01 -12.28
#